data_2WAG
#
_entry.id   2WAG
#
_cell.length_a   100.522
_cell.length_b   100.521
_cell.length_c   106.720
_cell.angle_alpha   90.00
_cell.angle_beta   90.00
_cell.angle_gamma   120.00
#
_symmetry.space_group_name_H-M   'P 61 2 2'
#
loop_
_entity.id
_entity.type
_entity.pdbx_description
1 polymer 'LYSOZYME, PUTATIVE'
2 non-polymer 'POLYETHYLENE GLYCOL (N=34)'
3 non-polymer 'SULFATE ION'
4 non-polymer GLYCEROL
5 non-polymer 'MAGNESIUM ION'
6 water water
#
_entity_poly.entity_id   1
_entity_poly.type   'polypeptide(L)'
_entity_poly.pdbx_seq_one_letter_code
;MGSSHHHHHHMDRYEIKGVDVASYQGDIDWRELEKQNMKFAFIKATEGSAFVDKYFSKNWTNANKTSMRVGAYHFFSFDS
KGETQAEQFIRNVPKYKQALPPVIDVEFYANKKDNPPKREDVTKELSVMIEMLEKHYGKKVILYATQEAYDLYIKDAYPQ
CDIWIRSVLTKPSLSDERKWTFWQYTNRGKLSGYNGKEKYIDLNVFYGNEEEFENYGMKD
;
_entity_poly.pdbx_strand_id   A
#
loop_
_chem_comp.id
_chem_comp.type
_chem_comp.name
_chem_comp.formula
15P non-polymer 'POLYETHYLENE GLYCOL (N=34)' 'C69 H140 O35'
GOL non-polymer GLYCEROL 'C3 H8 O3'
MG non-polymer 'MAGNESIUM ION' 'Mg 2'
SO4 non-polymer 'SULFATE ION' 'O4 S -2'
#
# COMPACT_ATOMS: atom_id res chain seq x y z
N GLY A 2 0.92 17.67 17.08
CA GLY A 2 -0.28 18.48 16.74
C GLY A 2 -0.35 18.60 15.24
N SER A 3 -1.29 19.42 14.78
CA SER A 3 -1.63 19.45 13.36
C SER A 3 -1.36 20.81 12.75
N SER A 4 -0.65 20.84 11.63
CA SER A 4 -0.47 22.07 10.86
C SER A 4 -1.57 22.21 9.82
N HIS A 5 -1.91 23.44 9.44
CA HIS A 5 -2.81 23.65 8.30
C HIS A 5 -2.07 23.49 6.97
N HIS A 6 -0.74 23.46 7.00
CA HIS A 6 0.03 23.19 5.78
C HIS A 6 -0.03 21.72 5.43
N HIS A 7 0.11 21.42 4.16
CA HIS A 7 0.17 20.04 3.70
C HIS A 7 1.51 19.75 3.04
N HIS A 8 1.92 18.50 3.10
CA HIS A 8 3.09 18.06 2.34
C HIS A 8 2.54 17.63 0.97
N HIS A 9 3.17 18.12 -0.09
CA HIS A 9 2.69 17.86 -1.44
C HIS A 9 3.66 16.94 -2.18
N HIS A 10 3.16 16.25 -3.19
CA HIS A 10 4.08 15.49 -4.03
C HIS A 10 4.83 16.41 -5.00
N MET A 11 6.02 15.99 -5.40
CA MET A 11 6.80 16.72 -6.41
C MET A 11 6.01 16.77 -7.70
N ASP A 12 6.13 17.90 -8.40
CA ASP A 12 5.31 18.15 -9.58
C ASP A 12 5.53 17.13 -10.71
N ARG A 13 6.72 16.56 -10.80
CA ARG A 13 7.02 15.62 -11.88
C ARG A 13 6.22 14.31 -11.82
N TYR A 14 5.63 13.99 -10.67
CA TYR A 14 4.87 12.76 -10.54
C TYR A 14 3.39 13.08 -10.66
N GLU A 15 2.81 12.71 -11.80
CA GLU A 15 1.42 13.06 -12.06
C GLU A 15 0.41 11.97 -11.83
N ILE A 16 0.83 10.77 -11.49
CA ILE A 16 -0.07 9.67 -11.27
C ILE A 16 -0.23 9.48 -9.76
N LYS A 17 -1.40 9.88 -9.25
CA LYS A 17 -1.71 9.96 -7.83
CA LYS A 17 -1.60 9.84 -7.82
C LYS A 17 -2.73 8.92 -7.43
N GLY A 18 -2.71 8.48 -6.19
CA GLY A 18 -3.70 7.51 -5.73
C GLY A 18 -3.77 7.42 -4.23
N VAL A 19 -4.70 6.64 -3.75
CA VAL A 19 -4.91 6.55 -2.31
C VAL A 19 -4.64 5.15 -1.77
N ASP A 20 -4.49 5.09 -0.45
CA ASP A 20 -4.56 3.80 0.23
C ASP A 20 -5.48 4.00 1.42
N VAL A 21 -6.32 3.01 1.70
CA VAL A 21 -7.33 3.13 2.74
C VAL A 21 -7.49 1.84 3.51
N ALA A 22 -8.02 1.98 4.72
CA ALA A 22 -8.45 0.87 5.56
C ALA A 22 -9.81 1.25 6.14
N SER A 23 -10.34 0.42 7.02
CA SER A 23 -11.67 0.72 7.56
C SER A 23 -11.71 2.06 8.29
N TYR A 24 -10.57 2.51 8.82
CA TYR A 24 -10.52 3.75 9.62
C TYR A 24 -10.88 4.97 8.79
N GLN A 25 -10.80 4.87 7.47
CA GLN A 25 -11.19 5.96 6.58
C GLN A 25 -12.72 6.02 6.40
N GLY A 26 -13.45 5.08 6.98
CA GLY A 26 -14.92 5.14 6.96
C GLY A 26 -15.51 4.83 5.59
N ASP A 27 -16.69 5.36 5.33
CA ASP A 27 -17.43 5.15 4.09
CA ASP A 27 -17.41 5.15 4.08
C ASP A 27 -16.83 6.02 2.99
N ILE A 28 -16.24 5.38 1.99
CA ILE A 28 -15.59 6.10 0.92
CA ILE A 28 -15.57 6.06 0.90
C ILE A 28 -16.48 6.17 -0.31
N ASP A 29 -16.59 7.38 -0.86
CA ASP A 29 -17.31 7.59 -2.09
C ASP A 29 -16.28 7.46 -3.20
N TRP A 30 -16.18 6.26 -3.78
CA TRP A 30 -15.12 5.97 -4.75
C TRP A 30 -15.29 6.77 -6.03
N ARG A 31 -16.53 7.03 -6.43
CA ARG A 31 -16.74 7.84 -7.63
CA ARG A 31 -16.75 7.84 -7.62
C ARG A 31 -16.23 9.27 -7.41
N GLU A 32 -16.35 9.79 -6.20
CA GLU A 32 -15.85 11.10 -5.89
C GLU A 32 -14.33 11.18 -5.90
N LEU A 33 -13.67 10.12 -5.41
CA LEU A 33 -12.21 10.06 -5.52
C LEU A 33 -11.77 10.01 -6.97
N GLU A 34 -12.47 9.21 -7.77
CA GLU A 34 -12.16 9.13 -9.19
C GLU A 34 -12.25 10.51 -9.86
N LYS A 35 -13.25 11.29 -9.46
CA LYS A 35 -13.43 12.66 -9.95
C LYS A 35 -12.34 13.64 -9.55
N GLN A 36 -11.48 13.26 -8.62
CA GLN A 36 -10.34 14.07 -8.22
C GLN A 36 -9.05 13.60 -8.81
N ASN A 37 -9.13 12.87 -9.92
CA ASN A 37 -7.99 12.35 -10.65
C ASN A 37 -7.17 11.38 -9.81
N MET A 38 -7.80 10.69 -8.89
CA MET A 38 -7.12 9.56 -8.25
C MET A 38 -7.10 8.40 -9.22
N LYS A 39 -5.92 7.92 -9.57
CA LYS A 39 -5.79 6.89 -10.60
C LYS A 39 -5.71 5.49 -10.06
N PHE A 40 -5.46 5.36 -8.76
CA PHE A 40 -5.30 4.05 -8.15
C PHE A 40 -5.70 4.08 -6.71
N ALA A 41 -5.96 2.89 -6.18
CA ALA A 41 -6.24 2.66 -4.79
C ALA A 41 -5.62 1.35 -4.33
N PHE A 42 -4.99 1.37 -3.17
CA PHE A 42 -4.62 0.14 -2.47
C PHE A 42 -5.49 0.06 -1.21
N ILE A 43 -6.22 -1.04 -1.07
CA ILE A 43 -7.20 -1.19 -0.03
C ILE A 43 -6.74 -2.25 0.96
N LYS A 44 -6.77 -1.95 2.26
CA LYS A 44 -6.38 -2.98 3.24
C LYS A 44 -7.36 -4.16 3.19
N ALA A 45 -6.82 -5.38 3.05
CA ALA A 45 -7.62 -6.58 3.11
C ALA A 45 -7.46 -7.30 4.43
N THR A 46 -6.22 -7.64 4.77
CA THR A 46 -5.94 -8.56 5.86
C THR A 46 -4.81 -8.04 6.73
N GLU A 47 -4.73 -8.60 7.94
CA GLU A 47 -3.61 -8.35 8.82
C GLU A 47 -3.28 -9.64 9.55
N GLY A 48 -1.99 -9.94 9.67
CA GLY A 48 -1.57 -11.14 10.38
C GLY A 48 -2.20 -12.40 9.84
N SER A 49 -2.43 -13.38 10.70
N SER A 49 -2.46 -13.32 10.78
CA SER A 49 -2.83 -14.67 10.15
CA SER A 49 -2.86 -14.69 10.51
C SER A 49 -4.35 -14.90 10.27
C SER A 49 -4.34 -14.86 10.27
N ALA A 50 -5.12 -13.94 10.80
CA ALA A 50 -6.55 -14.16 10.91
C ALA A 50 -7.47 -12.94 10.78
N PHE A 51 -6.90 -11.74 10.70
CA PHE A 51 -7.73 -10.54 10.71
C PHE A 51 -8.14 -10.10 9.30
N VAL A 52 -9.39 -9.66 9.16
CA VAL A 52 -9.92 -9.12 7.90
C VAL A 52 -10.47 -7.73 8.17
N ASP A 53 -10.00 -6.74 7.40
CA ASP A 53 -10.50 -5.38 7.53
C ASP A 53 -12.00 -5.34 7.26
N LYS A 54 -12.76 -4.65 8.10
CA LYS A 54 -14.21 -4.76 8.02
C LYS A 54 -14.79 -4.13 6.77
N TYR A 55 -14.04 -3.26 6.09
CA TYR A 55 -14.55 -2.62 4.89
C TYR A 55 -13.86 -3.12 3.63
N PHE A 56 -13.02 -4.16 3.74
CA PHE A 56 -12.34 -4.62 2.53
C PHE A 56 -13.28 -5.02 1.40
N SER A 57 -14.25 -5.86 1.74
N SER A 57 -14.25 -5.87 1.71
CA SER A 57 -15.16 -6.40 0.74
CA SER A 57 -15.10 -6.39 0.64
C SER A 57 -15.87 -5.26 0.02
C SER A 57 -15.93 -5.28 -0.01
N LYS A 58 -16.44 -4.35 0.80
CA LYS A 58 -17.20 -3.22 0.26
C LYS A 58 -16.29 -2.31 -0.58
N ASN A 59 -15.10 -1.99 -0.05
CA ASN A 59 -14.19 -1.12 -0.78
C ASN A 59 -13.73 -1.76 -2.07
N TRP A 60 -13.41 -3.05 -2.02
CA TRP A 60 -12.96 -3.73 -3.22
C TRP A 60 -14.04 -3.68 -4.31
N THR A 61 -15.26 -4.02 -3.93
CA THR A 61 -16.34 -4.01 -4.91
C THR A 61 -16.54 -2.60 -5.45
N ASN A 62 -16.62 -1.61 -4.58
CA ASN A 62 -16.98 -0.26 -5.05
C ASN A 62 -15.85 0.37 -5.84
N ALA A 63 -14.60 0.19 -5.39
CA ALA A 63 -13.50 0.80 -6.13
C ALA A 63 -13.38 0.19 -7.51
N ASN A 64 -13.63 -1.11 -7.62
CA ASN A 64 -13.50 -1.80 -8.90
C ASN A 64 -14.59 -1.42 -9.90
N LYS A 65 -15.67 -0.79 -9.43
CA LYS A 65 -16.70 -0.28 -10.35
C LYS A 65 -16.24 0.98 -11.09
N THR A 66 -15.22 1.64 -10.56
CA THR A 66 -14.68 2.84 -11.19
C THR A 66 -13.65 2.45 -12.25
N SER A 67 -13.02 3.45 -12.86
CA SER A 67 -11.93 3.26 -13.82
CA SER A 67 -11.94 3.14 -13.79
C SER A 67 -10.56 3.20 -13.14
N MET A 68 -10.52 3.32 -11.81
N MET A 68 -10.48 3.41 -11.83
CA MET A 68 -9.25 3.33 -11.10
CA MET A 68 -9.13 3.44 -11.26
C MET A 68 -8.58 1.97 -11.13
C MET A 68 -8.57 2.03 -11.28
N ARG A 69 -7.25 1.94 -11.10
CA ARG A 69 -6.56 0.66 -10.93
C ARG A 69 -6.58 0.35 -9.44
N VAL A 70 -6.91 -0.90 -9.09
CA VAL A 70 -7.16 -1.24 -7.69
C VAL A 70 -6.33 -2.44 -7.26
N GLY A 71 -5.71 -2.33 -6.08
CA GLY A 71 -4.99 -3.44 -5.49
C GLY A 71 -5.36 -3.56 -4.02
N ALA A 72 -4.84 -4.59 -3.38
CA ALA A 72 -5.07 -4.82 -1.95
C ALA A 72 -3.76 -4.96 -1.22
N TYR A 73 -3.76 -4.60 0.06
CA TYR A 73 -2.58 -4.80 0.88
C TYR A 73 -2.84 -5.65 2.11
N HIS A 74 -1.76 -6.30 2.55
CA HIS A 74 -1.71 -7.08 3.76
C HIS A 74 -0.85 -6.35 4.78
N PHE A 75 -1.35 -6.19 6.00
CA PHE A 75 -0.55 -5.59 7.05
C PHE A 75 0.21 -6.71 7.78
N PHE A 76 1.53 -6.71 7.63
CA PHE A 76 2.38 -7.79 8.14
C PHE A 76 2.41 -7.88 9.67
N SER A 77 2.39 -9.10 10.19
CA SER A 77 2.58 -9.37 11.59
C SER A 77 3.96 -9.97 11.83
N PHE A 78 4.64 -9.52 12.87
CA PHE A 78 5.91 -10.11 13.29
C PHE A 78 5.71 -11.38 14.11
N ASP A 79 4.46 -11.78 14.35
CA ASP A 79 4.19 -12.84 15.31
C ASP A 79 3.48 -14.06 14.78
N SER A 80 3.35 -14.18 13.46
CA SER A 80 2.87 -15.43 12.87
C SER A 80 3.62 -15.73 11.58
N LYS A 81 3.50 -16.97 11.12
CA LYS A 81 4.31 -17.40 9.99
C LYS A 81 3.91 -16.73 8.68
N GLY A 82 4.88 -16.55 7.81
CA GLY A 82 4.62 -15.98 6.49
C GLY A 82 3.63 -16.83 5.72
N GLU A 83 3.74 -18.15 5.85
CA GLU A 83 2.86 -19.01 5.08
C GLU A 83 1.40 -18.79 5.45
N THR A 84 1.11 -18.68 6.75
CA THR A 84 -0.24 -18.46 7.20
CA THR A 84 -0.26 -18.48 7.16
C THR A 84 -0.76 -17.07 6.83
N GLN A 85 0.13 -16.08 6.89
CA GLN A 85 -0.26 -14.73 6.47
C GLN A 85 -0.58 -14.68 4.97
N ALA A 86 0.24 -15.35 4.14
CA ALA A 86 -0.04 -15.41 2.71
C ALA A 86 -1.37 -16.11 2.43
N GLU A 87 -1.60 -17.21 3.14
CA GLU A 87 -2.84 -17.95 2.96
C GLU A 87 -4.05 -17.09 3.32
N GLN A 88 -3.88 -16.22 4.32
CA GLN A 88 -4.95 -15.34 4.69
CA GLN A 88 -4.98 -15.33 4.70
C GLN A 88 -5.26 -14.26 3.64
N PHE A 89 -4.22 -13.62 3.11
CA PHE A 89 -4.44 -12.66 2.03
C PHE A 89 -5.11 -13.38 0.83
N ILE A 90 -4.56 -14.54 0.46
CA ILE A 90 -5.07 -15.27 -0.70
C ILE A 90 -6.55 -15.68 -0.54
N ARG A 91 -6.97 -16.07 0.65
N ARG A 91 -6.94 -16.06 0.66
CA ARG A 91 -8.39 -16.44 0.86
CA ARG A 91 -8.32 -16.48 0.87
C ARG A 91 -9.33 -15.25 0.65
C ARG A 91 -9.31 -15.31 0.99
N ASN A 92 -8.82 -14.07 0.94
CA ASN A 92 -9.66 -12.88 0.94
C ASN A 92 -9.63 -12.08 -0.35
N VAL A 93 -8.52 -12.12 -1.07
CA VAL A 93 -8.34 -11.22 -2.21
C VAL A 93 -8.40 -12.00 -3.53
N PRO A 94 -9.43 -11.76 -4.34
CA PRO A 94 -9.54 -12.55 -5.57
C PRO A 94 -8.45 -12.22 -6.57
N LYS A 95 -8.14 -13.19 -7.42
N LYS A 95 -8.16 -13.15 -7.47
CA LYS A 95 -7.20 -13.00 -8.51
CA LYS A 95 -7.23 -12.88 -8.55
C LYS A 95 -7.92 -12.27 -9.63
C LYS A 95 -7.90 -12.25 -9.78
N TYR A 96 -7.27 -11.29 -10.20
N TYR A 96 -7.56 -10.99 -10.07
CA TYR A 96 -7.88 -10.45 -11.23
CA TYR A 96 -7.96 -10.33 -11.32
C TYR A 96 -6.76 -9.87 -12.09
C TYR A 96 -6.72 -9.94 -12.09
N LYS A 97 -6.72 -10.24 -13.37
CA LYS A 97 -5.61 -9.88 -14.22
C LYS A 97 -5.32 -8.38 -14.24
N GLN A 98 -6.38 -7.58 -14.21
CA GLN A 98 -6.25 -6.13 -14.29
C GLN A 98 -5.95 -5.44 -12.95
N ALA A 99 -5.97 -6.17 -11.87
CA ALA A 99 -5.65 -5.61 -10.59
C ALA A 99 -4.21 -5.17 -10.50
N LEU A 100 -3.94 -4.26 -9.58
CA LEU A 100 -2.56 -3.98 -9.23
C LEU A 100 -1.94 -5.16 -8.46
N PRO A 101 -0.60 -5.24 -8.44
CA PRO A 101 0.06 -6.32 -7.70
C PRO A 101 -0.26 -6.24 -6.20
N PRO A 102 -0.14 -7.36 -5.51
CA PRO A 102 -0.35 -7.35 -4.05
C PRO A 102 0.73 -6.57 -3.33
N VAL A 103 0.34 -5.97 -2.22
CA VAL A 103 1.26 -5.25 -1.35
C VAL A 103 1.36 -5.91 0.03
N ILE A 104 2.59 -6.01 0.53
CA ILE A 104 2.80 -6.35 1.94
C ILE A 104 3.35 -5.11 2.63
N ASP A 105 2.65 -4.69 3.69
CA ASP A 105 2.96 -3.49 4.43
C ASP A 105 3.75 -3.89 5.69
N VAL A 106 5.00 -3.46 5.75
CA VAL A 106 5.93 -3.84 6.84
C VAL A 106 6.29 -2.57 7.62
N GLU A 107 5.82 -2.49 8.87
CA GLU A 107 6.08 -1.29 9.68
C GLU A 107 5.84 -1.61 11.13
N PHE A 108 6.31 -0.74 12.01
CA PHE A 108 6.05 -0.96 13.43
C PHE A 108 4.61 -0.67 13.83
N TYR A 109 4.16 -1.39 14.86
CA TYR A 109 2.82 -1.24 15.41
C TYR A 109 2.85 -1.72 16.85
N ALA A 110 1.75 -1.51 17.56
CA ALA A 110 1.66 -1.92 18.96
C ALA A 110 2.93 -1.55 19.72
N ASN A 111 3.56 -2.53 20.36
CA ASN A 111 4.76 -2.29 21.14
C ASN A 111 6.04 -2.81 20.48
N LYS A 112 5.92 -3.20 19.21
N LYS A 112 5.92 -3.19 19.22
CA LYS A 112 6.99 -3.98 18.57
CA LYS A 112 6.98 -3.91 18.53
C LYS A 112 8.31 -3.19 18.45
C LYS A 112 8.28 -3.19 18.59
N LYS A 113 8.24 -1.88 18.39
CA LYS A 113 9.45 -1.09 18.28
C LYS A 113 10.25 -1.03 19.60
N ASP A 114 9.62 -1.36 20.73
CA ASP A 114 10.36 -1.45 22.00
C ASP A 114 11.39 -2.57 21.98
N ASN A 115 11.12 -3.59 21.17
CA ASN A 115 12.02 -4.74 21.05
CA ASN A 115 12.02 -4.75 21.06
C ASN A 115 11.98 -5.26 19.63
N PRO A 116 12.67 -4.56 18.72
CA PRO A 116 12.47 -4.87 17.31
C PRO A 116 12.82 -6.31 16.96
N PRO A 117 11.99 -6.94 16.14
CA PRO A 117 12.30 -8.27 15.63
C PRO A 117 13.64 -8.31 14.93
N LYS A 118 14.27 -9.49 14.94
CA LYS A 118 15.54 -9.64 14.27
C LYS A 118 15.34 -9.71 12.76
N ARG A 119 16.25 -9.11 12.02
CA ARG A 119 16.15 -9.11 10.57
C ARG A 119 16.00 -10.51 10.00
N GLU A 120 16.77 -11.48 10.52
CA GLU A 120 16.69 -12.87 10.03
C GLU A 120 15.29 -13.41 10.09
N ASP A 121 14.60 -13.11 11.18
CA ASP A 121 13.27 -13.65 11.36
C ASP A 121 12.27 -13.00 10.41
N VAL A 122 12.46 -11.73 10.13
CA VAL A 122 11.61 -11.07 9.15
C VAL A 122 11.91 -11.62 7.74
N THR A 123 13.17 -11.76 7.39
CA THR A 123 13.51 -12.30 6.07
C THR A 123 12.87 -13.67 5.84
N LYS A 124 12.91 -14.54 6.86
CA LYS A 124 12.35 -15.88 6.67
C LYS A 124 10.86 -15.81 6.31
N GLU A 125 10.10 -15.05 7.11
CA GLU A 125 8.66 -15.10 6.97
C GLU A 125 8.18 -14.24 5.80
N LEU A 126 8.78 -13.06 5.65
CA LEU A 126 8.38 -12.19 4.54
C LEU A 126 8.73 -12.86 3.19
N SER A 127 9.85 -13.57 3.13
CA SER A 127 10.21 -14.23 1.87
C SER A 127 9.24 -15.31 1.47
N VAL A 128 8.74 -16.07 2.46
CA VAL A 128 7.70 -17.05 2.18
C VAL A 128 6.44 -16.35 1.63
N MET A 129 6.02 -15.25 2.28
CA MET A 129 4.84 -14.54 1.81
C MET A 129 5.01 -14.06 0.36
N ILE A 130 6.14 -13.45 0.08
CA ILE A 130 6.40 -12.93 -1.27
C ILE A 130 6.32 -14.09 -2.28
N GLU A 131 6.99 -15.21 -1.99
CA GLU A 131 6.98 -16.34 -2.91
C GLU A 131 5.55 -16.80 -3.19
N MET A 132 4.76 -16.93 -2.13
CA MET A 132 3.40 -17.44 -2.31
C MET A 132 2.49 -16.46 -3.05
N LEU A 133 2.60 -15.16 -2.74
N LEU A 133 2.63 -15.17 -2.72
CA LEU A 133 1.76 -14.18 -3.42
CA LEU A 133 1.82 -14.15 -3.35
C LEU A 133 2.17 -14.00 -4.87
C LEU A 133 2.17 -13.99 -4.83
N GLU A 134 3.47 -13.97 -5.14
CA GLU A 134 3.91 -13.81 -6.52
C GLU A 134 3.43 -14.98 -7.37
N LYS A 135 3.53 -16.20 -6.83
CA LYS A 135 3.07 -17.38 -7.56
C LYS A 135 1.57 -17.33 -7.79
N HIS A 136 0.81 -16.98 -6.74
CA HIS A 136 -0.62 -17.08 -6.86
C HIS A 136 -1.19 -16.02 -7.82
N TYR A 137 -0.73 -14.78 -7.68
CA TYR A 137 -1.33 -13.70 -8.48
C TYR A 137 -0.60 -13.48 -9.81
N GLY A 138 0.61 -14.03 -9.94
CA GLY A 138 1.39 -13.87 -11.17
C GLY A 138 1.93 -12.48 -11.37
N LYS A 139 2.14 -11.74 -10.29
N LYS A 139 2.12 -11.74 -10.28
CA LYS A 139 2.59 -10.35 -10.34
CA LYS A 139 2.63 -10.37 -10.33
C LYS A 139 3.67 -10.10 -9.28
C LYS A 139 3.72 -10.16 -9.30
N LYS A 140 4.68 -9.33 -9.63
CA LYS A 140 5.75 -8.94 -8.70
CA LYS A 140 5.75 -8.93 -8.72
C LYS A 140 5.14 -8.22 -7.50
N VAL A 141 5.53 -8.66 -6.31
CA VAL A 141 4.97 -8.12 -5.08
C VAL A 141 5.60 -6.77 -4.73
N ILE A 142 4.75 -5.88 -4.20
CA ILE A 142 5.19 -4.58 -3.69
C ILE A 142 5.35 -4.65 -2.18
N LEU A 143 6.46 -4.11 -1.67
CA LEU A 143 6.63 -3.96 -0.23
C LEU A 143 6.48 -2.49 0.13
N TYR A 144 5.52 -2.18 1.01
CA TYR A 144 5.42 -0.85 1.60
C TYR A 144 6.17 -0.86 2.90
N ALA A 145 6.88 0.19 3.15
CA ALA A 145 7.59 0.34 4.42
C ALA A 145 7.73 1.79 4.84
N THR A 146 7.83 1.99 6.15
CA THR A 146 8.29 3.27 6.68
C THR A 146 9.83 3.32 6.58
N GLN A 147 10.41 4.50 6.74
CA GLN A 147 11.85 4.64 6.71
CA GLN A 147 11.86 4.63 6.71
C GLN A 147 12.54 3.71 7.72
N GLU A 148 12.03 3.68 8.94
CA GLU A 148 12.69 2.88 9.98
C GLU A 148 12.60 1.38 9.66
N ALA A 149 11.43 0.93 9.21
CA ALA A 149 11.30 -0.47 8.85
C ALA A 149 12.13 -0.81 7.60
N TYR A 150 12.16 0.11 6.64
CA TYR A 150 12.97 -0.12 5.46
C TYR A 150 14.43 -0.28 5.89
N ASP A 151 14.93 0.64 6.70
CA ASP A 151 16.36 0.60 7.04
C ASP A 151 16.74 -0.66 7.81
N LEU A 152 15.81 -1.16 8.61
CA LEU A 152 16.09 -2.32 9.47
C LEU A 152 15.77 -3.68 8.87
N TYR A 153 14.94 -3.75 7.84
CA TYR A 153 14.53 -5.00 7.28
C TYR A 153 14.61 -5.12 5.76
N ILE A 154 14.42 -4.03 5.04
N ILE A 154 14.45 -4.03 5.03
CA ILE A 154 14.21 -4.11 3.60
CA ILE A 154 14.23 -4.13 3.59
C ILE A 154 15.44 -3.67 2.81
C ILE A 154 15.42 -3.63 2.77
N LYS A 155 16.18 -2.70 3.34
CA LYS A 155 17.40 -2.20 2.72
C LYS A 155 18.35 -3.34 2.39
N ASP A 156 19.04 -3.23 1.25
CA ASP A 156 19.99 -4.27 0.83
C ASP A 156 19.34 -5.67 0.77
N ALA A 157 18.11 -5.73 0.28
CA ALA A 157 17.35 -6.97 0.28
C ALA A 157 16.17 -6.85 -0.69
N TYR A 158 15.43 -7.95 -0.82
CA TYR A 158 14.21 -8.00 -1.63
C TYR A 158 14.36 -7.34 -3.01
N PRO A 159 15.36 -7.74 -3.79
CA PRO A 159 15.45 -7.22 -5.14
C PRO A 159 14.29 -7.70 -6.03
N GLN A 160 13.60 -8.75 -5.60
CA GLN A 160 12.49 -9.31 -6.37
C GLN A 160 11.19 -8.55 -6.18
N CYS A 161 11.19 -7.50 -5.36
CA CYS A 161 9.97 -6.70 -5.10
C CYS A 161 10.12 -5.27 -5.58
N ASP A 162 9.02 -4.58 -5.74
CA ASP A 162 9.07 -3.12 -5.89
C ASP A 162 8.81 -2.47 -4.53
N ILE A 163 9.33 -1.26 -4.34
CA ILE A 163 9.25 -0.57 -3.06
C ILE A 163 8.27 0.59 -3.09
N TRP A 164 7.42 0.62 -2.07
CA TRP A 164 6.50 1.71 -1.83
C TRP A 164 6.96 2.35 -0.51
N ILE A 165 7.51 3.56 -0.55
CA ILE A 165 8.13 4.17 0.63
C ILE A 165 7.26 5.28 1.22
N ARG A 166 7.12 5.30 2.54
N ARG A 166 7.13 5.30 2.53
CA ARG A 166 6.48 6.44 3.19
CA ARG A 166 6.48 6.44 3.18
C ARG A 166 7.51 7.55 3.38
C ARG A 166 7.51 7.55 3.38
N SER A 167 7.17 8.75 2.91
CA SER A 167 8.00 9.92 3.15
C SER A 167 7.10 11.16 3.23
N VAL A 168 6.55 11.42 4.40
CA VAL A 168 5.53 12.47 4.54
C VAL A 168 6.08 13.83 4.97
N LEU A 169 7.38 13.91 5.21
CA LEU A 169 8.00 15.19 5.62
C LEU A 169 9.10 15.65 4.68
N THR A 170 9.56 14.79 3.80
CA THR A 170 10.68 15.12 2.93
C THR A 170 10.46 14.52 1.56
N LYS A 171 11.28 14.94 0.62
CA LYS A 171 11.35 14.25 -0.65
C LYS A 171 11.78 12.79 -0.43
N PRO A 172 11.36 11.90 -1.31
CA PRO A 172 11.58 10.47 -1.08
C PRO A 172 12.98 10.02 -1.43
N SER A 173 13.58 9.20 -0.57
N SER A 173 13.53 9.17 -0.56
CA SER A 173 14.83 8.54 -0.91
CA SER A 173 14.86 8.61 -0.78
C SER A 173 15.10 7.36 0.00
C SER A 173 14.86 7.25 -0.08
N LEU A 174 15.67 6.33 -0.59
CA LEU A 174 15.96 5.07 0.10
C LEU A 174 17.43 5.05 0.44
N SER A 175 17.76 4.55 1.63
CA SER A 175 19.11 4.68 2.18
C SER A 175 20.17 3.87 1.43
N ASP A 176 19.74 2.84 0.71
CA ASP A 176 20.64 2.05 -0.15
C ASP A 176 20.65 2.54 -1.61
N GLU A 177 20.06 3.71 -1.83
CA GLU A 177 20.01 4.36 -3.15
C GLU A 177 19.16 3.63 -4.18
N ARG A 178 18.36 2.66 -3.74
N ARG A 178 18.36 2.70 -3.71
CA ARG A 178 17.40 2.02 -4.63
CA ARG A 178 17.40 2.01 -4.54
C ARG A 178 16.38 3.01 -5.13
C ARG A 178 16.32 2.97 -5.08
N LYS A 179 15.83 2.71 -6.29
CA LYS A 179 14.70 3.49 -6.83
C LYS A 179 13.38 2.99 -6.26
N TRP A 180 12.51 3.91 -5.88
CA TRP A 180 11.17 3.56 -5.40
C TRP A 180 10.18 3.50 -6.55
N THR A 181 9.08 2.78 -6.33
CA THR A 181 8.02 2.63 -7.32
C THR A 181 6.76 3.44 -6.94
N PHE A 182 6.42 3.47 -5.65
CA PHE A 182 5.39 4.35 -5.11
C PHE A 182 5.94 5.12 -3.93
N TRP A 183 5.37 6.30 -3.72
CA TRP A 183 5.77 7.18 -2.61
C TRP A 183 4.51 7.68 -1.91
N GLN A 184 4.37 7.36 -0.63
CA GLN A 184 3.28 7.91 0.20
C GLN A 184 3.75 9.24 0.75
N TYR A 185 3.09 10.31 0.30
CA TYR A 185 3.58 11.66 0.62
C TYR A 185 2.78 12.40 1.69
N THR A 186 1.61 11.91 2.07
CA THR A 186 0.86 12.54 3.15
C THR A 186 -0.11 11.55 3.76
N ASN A 187 -0.39 11.76 5.05
N ASN A 187 -0.42 11.77 5.03
CA ASN A 187 -1.41 11.02 5.80
CA ASN A 187 -1.43 10.98 5.71
C ASN A 187 -2.73 11.77 5.86
C ASN A 187 -2.70 11.78 5.98
N ARG A 188 -2.72 13.04 5.51
N ARG A 188 -2.74 13.01 5.46
CA ARG A 188 -3.92 13.85 5.62
CA ARG A 188 -3.91 13.86 5.56
C ARG A 188 -4.16 14.53 4.29
C ARG A 188 -3.98 14.79 4.34
N GLY A 189 -4.54 13.74 3.29
N GLY A 189 -5.14 14.82 3.68
CA GLY A 189 -4.61 14.26 1.97
CA GLY A 189 -5.28 15.60 2.46
C GLY A 189 -5.59 15.42 1.87
C GLY A 189 -6.51 16.50 2.49
N LYS A 190 -5.21 16.35 1.01
N LYS A 190 -6.40 17.63 1.79
CA LYS A 190 -6.05 17.51 0.72
CA LYS A 190 -7.53 18.50 1.59
C LYS A 190 -6.98 17.13 -0.47
C LYS A 190 -8.21 18.05 0.31
N LEU A 191 -8.27 17.30 -0.21
N LEU A 191 -9.27 17.27 0.45
CA LEU A 191 -9.53 16.84 -1.01
CA LEU A 191 -9.98 16.72 -0.71
C LEU A 191 -10.60 17.90 -1.35
C LEU A 191 -10.87 17.80 -1.26
N SER A 192 -11.00 17.90 -2.60
CA SER A 192 -12.00 18.82 -3.14
C SER A 192 -13.27 18.08 -3.44
N GLY A 193 -14.10 18.62 -4.30
CA GLY A 193 -15.38 18.02 -4.58
C GLY A 193 -16.48 18.13 -3.51
N TYR A 194 -17.53 17.40 -3.64
CA TYR A 194 -18.68 17.71 -2.79
C TYR A 194 -18.56 17.46 -1.27
N ASN A 195 -17.98 16.39 -0.83
CA ASN A 195 -18.00 16.24 0.61
C ASN A 195 -16.72 16.79 0.89
N GLY A 196 -16.13 17.56 -0.01
CA GLY A 196 -14.71 17.85 0.14
C GLY A 196 -14.31 18.53 1.45
N LYS A 197 -13.32 17.95 2.14
CA LYS A 197 -12.86 18.49 3.41
C LYS A 197 -11.48 17.93 3.67
N GLU A 198 -10.88 18.38 4.76
CA GLU A 198 -9.65 17.77 5.23
C GLU A 198 -9.99 16.35 5.67
N LYS A 199 -9.26 15.35 5.18
CA LYS A 199 -9.57 13.97 5.56
C LYS A 199 -8.30 13.23 5.95
N TYR A 200 -8.36 12.34 6.96
CA TYR A 200 -7.22 11.44 7.23
C TYR A 200 -7.30 10.30 6.27
N ILE A 201 -6.67 10.51 5.11
CA ILE A 201 -6.54 9.51 4.08
CA ILE A 201 -6.59 9.55 4.00
C ILE A 201 -5.16 9.69 3.45
N ASP A 202 -4.48 8.57 3.28
CA ASP A 202 -3.14 8.56 2.71
C ASP A 202 -3.14 8.79 1.21
N LEU A 203 -2.25 9.67 0.78
CA LEU A 203 -2.05 9.92 -0.66
C LEU A 203 -0.68 9.56 -1.11
N ASN A 204 -0.64 9.12 -2.35
CA ASN A 204 0.53 8.51 -2.90
C ASN A 204 0.79 8.89 -4.34
N VAL A 205 2.02 8.80 -4.82
CA VAL A 205 2.25 8.86 -6.27
C VAL A 205 3.02 7.62 -6.75
N PHE A 206 2.76 7.27 -8.01
CA PHE A 206 3.57 6.30 -8.76
C PHE A 206 4.79 7.02 -9.33
N TYR A 207 5.90 6.34 -9.57
CA TYR A 207 7.09 6.97 -10.03
C TYR A 207 7.04 7.45 -11.49
N GLY A 208 6.24 6.80 -12.27
CA GLY A 208 6.31 6.94 -13.73
C GLY A 208 5.15 7.65 -14.41
N ASN A 209 5.00 7.40 -15.70
CA ASN A 209 4.01 8.13 -16.50
C ASN A 209 2.74 7.30 -16.69
N GLU A 210 1.77 7.85 -17.41
CA GLU A 210 0.48 7.21 -17.55
C GLU A 210 0.59 5.85 -18.27
N GLU A 211 1.40 5.78 -19.32
CA GLU A 211 1.57 4.55 -20.07
C GLU A 211 2.22 3.47 -19.19
N GLU A 212 3.28 3.84 -18.47
CA GLU A 212 3.93 2.92 -17.53
C GLU A 212 2.93 2.43 -16.50
N PHE A 213 2.11 3.36 -16.02
N PHE A 213 2.08 3.33 -16.00
CA PHE A 213 1.08 3.05 -15.06
CA PHE A 213 1.11 2.89 -15.00
C PHE A 213 0.11 2.00 -15.60
C PHE A 213 0.03 1.97 -15.57
N GLU A 214 -0.36 2.21 -16.83
CA GLU A 214 -1.35 1.35 -17.44
C GLU A 214 -0.81 -0.07 -17.61
N ASN A 215 0.49 -0.18 -17.85
CA ASN A 215 1.14 -1.46 -18.05
C ASN A 215 1.75 -2.05 -16.77
N TYR A 216 1.59 -1.35 -15.65
CA TYR A 216 2.27 -1.76 -14.41
C TYR A 216 1.74 -3.10 -13.89
N GLY A 217 2.64 -4.05 -13.65
CA GLY A 217 2.25 -5.40 -13.19
C GLY A 217 1.66 -6.31 -14.25
N MET A 218 1.67 -5.88 -15.51
N MET A 218 1.61 -5.82 -15.50
CA MET A 218 1.00 -6.65 -16.56
CA MET A 218 1.02 -6.57 -16.61
C MET A 218 1.88 -7.69 -17.25
C MET A 218 2.11 -7.05 -17.57
C2 15P B . 12.78 11.73 -6.60
O1 15P B . 12.75 10.47 -5.90
C3 15P B . 14.02 10.13 -5.33
C4 15P B . 14.17 8.69 -4.83
O2 15P B . 15.20 7.92 -5.46
C5 15P B . 14.94 7.42 -6.80
C6 15P B . 13.64 6.66 -7.08
O3 15P B . 12.92 7.43 -8.07
C7 15P B . 11.71 6.83 -8.49
C8 15P B . 11.96 5.69 -9.45
O4 15P B . 12.90 6.13 -10.46
C9 15P B . 12.45 5.98 -11.80
S SO4 C . -1.82 15.60 11.42
O1 SO4 C . -0.82 16.65 11.57
O2 SO4 C . -2.14 15.38 9.99
O3 SO4 C . -3.15 15.92 11.93
O4 SO4 C . -1.26 14.24 11.60
S SO4 D . -1.11 17.25 -3.65
O1 SO4 D . 0.35 17.15 -3.67
O2 SO4 D . -1.58 17.13 -5.06
O3 SO4 D . -1.51 18.60 -3.20
O4 SO4 D . -1.89 16.21 -2.94
S SO4 E . 9.46 18.88 -9.12
O1 SO4 E . 10.88 18.87 -8.69
O2 SO4 E . 9.51 19.76 -10.26
O3 SO4 E . 9.25 17.53 -9.52
O4 SO4 E . 8.85 19.35 -7.90
S SO4 F . 8.18 10.13 7.48
O1 SO4 F . 8.56 8.96 8.32
O2 SO4 F . 9.44 10.41 6.85
O3 SO4 F . 7.19 9.69 6.59
O4 SO4 F . 7.83 11.06 8.51
S SO4 G . -0.99 -12.56 14.39
O1 SO4 G . -0.97 -11.14 14.71
O2 SO4 G . -1.87 -13.10 13.37
O3 SO4 G . -0.77 -13.44 15.54
O4 SO4 G . 0.33 -12.67 13.70
C1 GOL H . -13.76 12.23 -1.76
O1 GOL H . -13.53 13.59 -1.51
C2 GOL H . -14.64 11.70 -0.64
O2 GOL H . -15.99 11.88 -1.03
C3 GOL H . -14.33 10.23 -0.41
O3 GOL H . -15.36 9.64 0.36
C1 GOL I . 10.47 1.55 -10.75
O1 GOL I . 9.73 0.39 -10.44
C2 GOL I . 11.89 1.51 -10.23
O2 GOL I . 12.39 0.19 -10.14
C3 GOL I . 12.79 2.35 -11.14
O3 GOL I . 12.22 2.54 -12.42
OXT 15P J . 9.86 -15.26 13.48
C1 15P J . 8.79 -15.24 14.42
C2 15P J . 7.48 -15.07 13.66
O1 15P J . 6.52 -15.99 14.20
C3 15P J . 6.40 -17.14 13.36
C1 15P K . -10.76 -15.95 -4.33
C2 15P K . -10.53 -15.04 -3.12
O1 15P K . -11.76 -14.95 -2.40
C3 15P K . -12.42 -13.70 -2.60
C2 15P L . 18.25 -6.78 13.02
O1 15P L . 19.46 -7.49 13.25
C3 15P L . 19.21 -8.85 13.59
C4 15P L . 19.90 -9.74 12.56
O2 15P L . 19.08 -10.87 12.24
C5 15P L . 19.76 -12.11 12.43
C6 15P L . 19.30 -12.76 13.72
O3 15P L . 20.30 -13.68 14.12
C1 15P M . 7.07 0.47 -15.81
C2 15P M . 6.88 0.26 -14.30
O1 15P M . 7.75 -0.83 -13.97
C3 15P M . 8.35 -0.71 -12.67
MG MG N . 16.30 -2.94 -0.73
#